data_3AFH
#
_entry.id   3AFH
#
_cell.length_a   68.624
_cell.length_b   207.317
_cell.length_c   39.495
_cell.angle_alpha   90.00
_cell.angle_beta   90.00
_cell.angle_gamma   90.00
#
_symmetry.space_group_name_H-M   'P 21 21 2'
#
loop_
_entity.id
_entity.type
_entity.pdbx_description
1 polymer 'Glutamyl-tRNA synthetase 2'
2 non-polymer "O5'-(L-GLUTAMYL-SULFAMOYL)-ADENOSINE"
3 water water
#
_entity_poly.entity_id   1
_entity_poly.type   'polypeptide(L)'
_entity_poly.pdbx_seq_one_letter_code
;MGFITGAFFDILEVGPKKIRRCFELVRVRFAPSPTGHLHVGGARTALFNWMFARKEGGKFILRIEDTDTERSSREYEQQI
LESLRWCGLDWDEGPDIGGDFGPYRQSERLEIYREYAEKLVEDKRAYYVVYDKEDPSKELFTTYEYPHEYKEKGHPVTIK
FKVLPGKTSFEDLLKGYMEFDNSTLEDFIIMKSNGFPTYNFAVVVDDHLMRISHVFRGEDHLSNTPKQLMIYEAFGWEAP
VFMHIPLILGSDRTPLSKRHGATSVEHFRREGILSRALMNYLALLGWRVEGDEIFTIEEKLQSFDPKDISNKGVIFDYQK
LEWVNGKHMRRIDLEDLKREFIEWAKYAGKEIPSVDERYFSETLRICREKVNTLSQLYDIMYPFMNDDYEYEKDYVEKFL
KREEAERVLEEAKKAFKDLNSWNMEEIEKTLRDLSEKGLASKKVVFQLIRGAVTGKLVTPGLFETIEVLGKERTLKRLER
TLQFLKKT
;
_entity_poly.pdbx_strand_id   A
#
# COMPACT_ATOMS: atom_id res chain seq x y z
N LEU A 25 -27.33 12.67 -2.60
CA LEU A 25 -25.91 12.89 -2.97
C LEU A 25 -25.06 11.78 -2.34
N VAL A 26 -24.33 11.05 -3.17
CA VAL A 26 -23.47 9.97 -2.69
C VAL A 26 -22.23 10.54 -2.01
N ARG A 27 -22.03 10.15 -0.75
CA ARG A 27 -20.88 10.59 0.04
C ARG A 27 -20.36 9.41 0.84
N VAL A 28 -19.11 9.02 0.60
CA VAL A 28 -18.50 7.90 1.28
C VAL A 28 -17.24 8.37 1.99
N ARG A 29 -16.72 7.55 2.90
CA ARG A 29 -15.51 7.93 3.62
C ARG A 29 -14.55 6.81 3.97
N PHE A 30 -13.28 7.19 4.12
CA PHE A 30 -12.25 6.26 4.57
C PHE A 30 -11.94 6.96 5.90
N ALA A 31 -12.05 6.21 7.00
CA ALA A 31 -11.85 6.78 8.33
C ALA A 31 -10.76 6.05 9.10
N PRO A 32 -9.51 6.23 8.67
CA PRO A 32 -8.40 5.55 9.35
C PRO A 32 -8.02 6.12 10.72
N SER A 33 -7.57 5.22 11.59
CA SER A 33 -7.08 5.62 12.90
C SER A 33 -5.57 5.69 12.63
N PRO A 34 -4.98 6.90 12.69
CA PRO A 34 -3.54 7.07 12.42
C PRO A 34 -2.63 6.55 13.52
N THR A 35 -2.68 5.25 13.77
CA THR A 35 -1.85 4.64 14.78
C THR A 35 -0.74 3.82 14.12
N GLY A 36 -0.52 4.06 12.82
CA GLY A 36 0.51 3.36 12.08
C GLY A 36 0.39 3.58 10.58
N HIS A 37 1.15 2.80 9.80
CA HIS A 37 1.14 2.90 8.34
C HIS A 37 -0.16 2.41 7.70
N LEU A 38 -0.39 2.77 6.44
CA LEU A 38 -1.58 2.33 5.74
C LEU A 38 -1.43 0.86 5.36
N HIS A 39 -2.23 0.00 5.99
CA HIS A 39 -2.21 -1.43 5.74
C HIS A 39 -2.87 -1.65 4.35
N VAL A 40 -2.43 -2.67 3.61
CA VAL A 40 -3.03 -2.93 2.29
C VAL A 40 -4.52 -3.21 2.42
N GLY A 41 -4.94 -3.71 3.58
CA GLY A 41 -6.35 -3.95 3.79
C GLY A 41 -7.06 -2.61 3.80
N GLY A 42 -6.44 -1.62 4.45
CA GLY A 42 -7.01 -0.29 4.49
C GLY A 42 -7.05 0.31 3.09
N ALA A 43 -6.00 0.08 2.31
CA ALA A 43 -5.95 0.60 0.96
C ALA A 43 -7.06 0.00 0.11
N ARG A 44 -7.34 -1.28 0.30
CA ARG A 44 -8.41 -1.95 -0.44
C ARG A 44 -9.77 -1.37 -0.01
N THR A 45 -9.94 -1.12 1.28
CA THR A 45 -11.17 -0.53 1.78
C THR A 45 -11.33 0.87 1.18
N ALA A 46 -10.24 1.62 1.12
CA ALA A 46 -10.27 2.97 0.57
C ALA A 46 -10.56 2.92 -0.95
N LEU A 47 -9.97 1.93 -1.62
CA LEU A 47 -10.16 1.77 -3.05
C LEU A 47 -11.64 1.61 -3.42
N PHE A 48 -12.34 0.72 -2.74
CA PHE A 48 -13.75 0.50 -3.07
C PHE A 48 -14.62 1.71 -2.82
N ASN A 49 -14.28 2.48 -1.79
CA ASN A 49 -15.02 3.71 -1.47
C ASN A 49 -14.78 4.70 -2.59
N TRP A 50 -13.51 4.83 -2.98
CA TRP A 50 -13.09 5.76 -4.02
C TRP A 50 -13.75 5.44 -5.35
N MET A 51 -13.73 4.16 -5.73
CA MET A 51 -14.33 3.75 -7.00
C MET A 51 -15.84 3.99 -7.00
N PHE A 52 -16.51 3.69 -5.90
CA PHE A 52 -17.95 3.90 -5.82
C PHE A 52 -18.28 5.39 -5.97
N ALA A 53 -17.49 6.25 -5.33
CA ALA A 53 -17.71 7.70 -5.42
C ALA A 53 -17.46 8.29 -6.81
N ARG A 54 -16.37 7.89 -7.44
CA ARG A 54 -16.06 8.42 -8.76
C ARG A 54 -17.07 7.91 -9.79
N LYS A 55 -17.44 6.63 -9.71
CA LYS A 55 -18.39 6.11 -10.67
C LYS A 55 -19.77 6.74 -10.50
N GLU A 56 -20.21 6.86 -9.25
CA GLU A 56 -21.53 7.42 -8.96
C GLU A 56 -21.54 8.93 -9.01
N GLY A 57 -20.39 9.54 -9.21
CA GLY A 57 -20.31 10.99 -9.25
C GLY A 57 -20.48 11.61 -7.87
N GLY A 58 -20.14 10.85 -6.84
CA GLY A 58 -20.25 11.33 -5.47
C GLY A 58 -18.96 11.88 -4.91
N LYS A 59 -18.89 11.98 -3.59
CA LYS A 59 -17.71 12.52 -2.93
C LYS A 59 -17.05 11.50 -2.02
N PHE A 60 -15.73 11.57 -1.98
CA PHE A 60 -14.92 10.68 -1.15
C PHE A 60 -14.31 11.56 -0.07
N ILE A 61 -14.70 11.30 1.18
CA ILE A 61 -14.25 12.06 2.36
C ILE A 61 -13.17 11.31 3.15
N LEU A 62 -12.17 12.03 3.62
CA LEU A 62 -11.13 11.41 4.43
C LEU A 62 -11.29 11.93 5.87
N ARG A 63 -11.66 11.07 6.82
CA ARG A 63 -11.80 11.49 8.22
C ARG A 63 -10.73 10.78 9.07
N ILE A 64 -9.97 11.55 9.83
CA ILE A 64 -8.92 10.98 10.67
C ILE A 64 -9.49 10.69 12.04
N GLU A 65 -9.43 9.42 12.43
CA GLU A 65 -9.97 9.01 13.71
C GLU A 65 -8.82 8.84 14.69
N ASP A 66 -8.43 9.98 15.25
CA ASP A 66 -7.31 10.11 16.15
C ASP A 66 -7.62 10.39 17.62
N THR A 67 -8.75 9.89 18.15
CA THR A 67 -9.04 10.16 19.55
C THR A 67 -8.16 9.34 20.50
N ASP A 68 -7.43 8.37 19.97
CA ASP A 68 -6.54 7.59 20.83
C ASP A 68 -5.23 8.37 20.81
N THR A 69 -5.15 9.34 21.72
CA THR A 69 -4.01 10.23 21.87
C THR A 69 -2.66 9.54 21.99
N GLU A 70 -2.63 8.44 22.74
CA GLU A 70 -1.40 7.69 22.95
C GLU A 70 -0.83 7.03 21.71
N ARG A 71 -1.72 6.49 20.87
CA ARG A 71 -1.28 5.77 19.68
C ARG A 71 -1.31 6.52 18.35
N SER A 72 -2.04 7.61 18.28
CA SER A 72 -2.13 8.39 17.04
C SER A 72 -1.08 9.48 17.01
N SER A 73 -0.64 9.87 15.82
CA SER A 73 0.35 10.92 15.67
C SER A 73 0.19 11.55 14.30
N ARG A 74 0.65 12.78 14.15
CA ARG A 74 0.58 13.49 12.86
C ARG A 74 1.52 12.79 11.88
N GLU A 75 2.60 12.21 12.39
CA GLU A 75 3.52 11.49 11.51
C GLU A 75 2.77 10.35 10.80
N TYR A 76 2.01 9.56 11.57
CA TYR A 76 1.24 8.45 10.97
C TYR A 76 0.12 8.96 10.06
N GLU A 77 -0.53 10.05 10.45
CA GLU A 77 -1.58 10.61 9.62
C GLU A 77 -0.98 10.96 8.26
N GLN A 78 0.13 11.69 8.29
CA GLN A 78 0.83 12.11 7.07
C GLN A 78 1.25 10.93 6.22
N GLN A 79 1.78 9.89 6.86
CA GLN A 79 2.22 8.71 6.13
C GLN A 79 1.01 8.07 5.42
N ILE A 80 -0.13 8.03 6.11
CA ILE A 80 -1.35 7.48 5.52
C ILE A 80 -1.81 8.34 4.32
N LEU A 81 -1.83 9.67 4.46
CA LEU A 81 -2.25 10.50 3.34
C LEU A 81 -1.31 10.31 2.14
N GLU A 82 -0.02 10.24 2.42
CA GLU A 82 0.95 10.04 1.35
C GLU A 82 0.71 8.71 0.64
N SER A 83 0.47 7.64 1.40
CA SER A 83 0.21 6.34 0.79
C SER A 83 -1.05 6.32 -0.05
N LEU A 84 -2.12 6.96 0.44
CA LEU A 84 -3.37 7.00 -0.32
C LEU A 84 -3.14 7.75 -1.64
N ARG A 85 -2.39 8.84 -1.58
CA ARG A 85 -2.06 9.65 -2.74
C ARG A 85 -1.30 8.76 -3.74
N TRP A 86 -0.28 8.06 -3.24
CA TRP A 86 0.51 7.20 -4.10
C TRP A 86 -0.34 6.08 -4.75
N CYS A 87 -1.38 5.63 -4.04
CA CYS A 87 -2.28 4.60 -4.57
C CYS A 87 -3.28 5.20 -5.55
N GLY A 88 -3.17 6.51 -5.80
CA GLY A 88 -4.08 7.19 -6.70
C GLY A 88 -5.49 7.41 -6.16
N LEU A 89 -5.64 7.39 -4.84
CA LEU A 89 -6.97 7.55 -4.26
C LEU A 89 -7.24 8.93 -3.66
N ASP A 90 -7.24 9.96 -4.51
CA ASP A 90 -7.48 11.34 -4.08
C ASP A 90 -8.85 11.54 -3.43
N TRP A 91 -8.90 12.37 -2.39
CA TRP A 91 -10.14 12.65 -1.67
C TRP A 91 -10.67 14.06 -1.89
N ASP A 92 -11.98 14.20 -1.77
CA ASP A 92 -12.68 15.46 -2.00
C ASP A 92 -12.74 16.37 -0.76
N GLU A 93 -12.60 15.78 0.42
CA GLU A 93 -12.63 16.54 1.67
C GLU A 93 -11.70 15.83 2.65
N GLY A 94 -11.03 16.59 3.50
CA GLY A 94 -10.12 15.97 4.43
C GLY A 94 -9.43 16.98 5.32
N PRO A 95 -8.54 16.52 6.20
CA PRO A 95 -7.80 17.39 7.12
C PRO A 95 -6.87 18.38 6.43
N ASP A 96 -6.38 18.02 5.25
CA ASP A 96 -5.47 18.90 4.53
C ASP A 96 -6.17 19.88 3.59
N ILE A 97 -7.20 19.43 2.88
CA ILE A 97 -7.88 20.33 1.97
C ILE A 97 -9.17 20.93 2.54
N GLY A 98 -9.59 20.43 3.70
CA GLY A 98 -10.81 20.95 4.30
C GLY A 98 -12.09 20.50 3.62
N GLY A 99 -13.14 21.31 3.74
CA GLY A 99 -14.44 20.99 3.16
C GLY A 99 -15.52 21.58 4.04
N ASP A 100 -16.78 21.47 3.64
CA ASP A 100 -17.89 22.04 4.43
C ASP A 100 -18.40 21.23 5.62
N PHE A 101 -17.77 20.09 5.91
CA PHE A 101 -18.24 19.26 7.01
C PHE A 101 -17.17 18.91 8.03
N GLY A 102 -16.17 19.79 8.13
CA GLY A 102 -15.09 19.58 9.07
C GLY A 102 -15.41 20.10 10.46
N PRO A 103 -14.43 20.08 11.38
CA PRO A 103 -13.05 19.61 11.14
C PRO A 103 -13.05 18.14 10.73
N TYR A 104 -11.98 17.71 10.07
CA TYR A 104 -11.87 16.34 9.61
C TYR A 104 -11.00 15.44 10.48
N ARG A 105 -10.60 15.95 11.65
CA ARG A 105 -9.84 15.14 12.62
C ARG A 105 -10.78 15.04 13.82
N GLN A 106 -11.03 13.83 14.31
CA GLN A 106 -11.94 13.69 15.44
C GLN A 106 -11.41 14.37 16.69
N SER A 107 -10.08 14.48 16.82
CA SER A 107 -9.50 15.14 17.98
C SER A 107 -9.88 16.63 18.01
N GLU A 108 -10.29 17.17 16.87
CA GLU A 108 -10.68 18.58 16.78
C GLU A 108 -12.18 18.78 16.90
N ARG A 109 -12.91 17.70 17.19
CA ARG A 109 -14.36 17.77 17.28
C ARG A 109 -14.90 17.42 18.67
N LEU A 110 -14.08 17.52 19.71
CA LEU A 110 -14.55 17.14 21.04
C LEU A 110 -15.78 17.88 21.53
N GLU A 111 -15.94 19.13 21.11
CA GLU A 111 -17.10 19.91 21.53
C GLU A 111 -18.38 19.47 20.84
N ILE A 112 -18.23 18.96 19.61
CA ILE A 112 -19.39 18.48 18.85
C ILE A 112 -19.93 17.21 19.55
N TYR A 113 -19.05 16.29 19.92
CA TYR A 113 -19.49 15.05 20.60
C TYR A 113 -20.15 15.43 21.92
N ARG A 114 -19.55 16.38 22.63
CA ARG A 114 -20.13 16.80 23.91
C ARG A 114 -21.54 17.34 23.70
N GLU A 115 -21.72 18.25 22.74
CA GLU A 115 -23.04 18.81 22.48
C GLU A 115 -24.06 17.74 22.09
N TYR A 116 -23.68 16.80 21.23
CA TYR A 116 -24.64 15.78 20.84
C TYR A 116 -24.93 14.75 21.92
N ALA A 117 -23.94 14.43 22.76
CA ALA A 117 -24.19 13.48 23.85
C ALA A 117 -25.19 14.16 24.79
N GLU A 118 -25.03 15.48 24.94
CA GLU A 118 -25.92 16.26 25.80
C GLU A 118 -27.34 16.26 25.28
N LYS A 119 -27.50 16.25 23.96
CA LYS A 119 -28.83 16.21 23.37
C LYS A 119 -29.51 14.92 23.81
N LEU A 120 -28.76 13.81 23.82
CA LEU A 120 -29.33 12.53 24.22
C LEU A 120 -29.76 12.54 25.69
N VAL A 121 -28.93 13.13 26.55
CA VAL A 121 -29.27 13.19 27.97
C VAL A 121 -30.54 14.03 28.15
N GLU A 122 -30.59 15.19 27.50
CA GLU A 122 -31.75 16.06 27.58
C GLU A 122 -33.00 15.35 27.08
N ASP A 123 -32.83 14.47 26.10
CA ASP A 123 -33.96 13.72 25.58
C ASP A 123 -34.19 12.41 26.36
N LYS A 124 -33.45 12.24 27.45
CA LYS A 124 -33.57 11.06 28.30
C LYS A 124 -33.18 9.74 27.64
N ARG A 125 -32.27 9.80 26.66
CA ARG A 125 -31.82 8.60 26.00
C ARG A 125 -30.40 8.25 26.45
N ALA A 126 -29.85 9.07 27.32
CA ALA A 126 -28.53 8.82 27.87
C ALA A 126 -28.55 9.47 29.24
N TYR A 127 -27.56 9.16 30.07
CA TYR A 127 -27.53 9.72 31.41
C TYR A 127 -26.11 9.77 31.96
N TYR A 128 -25.89 10.61 32.97
CA TYR A 128 -24.58 10.76 33.58
C TYR A 128 -24.39 9.69 34.65
N VAL A 129 -23.14 9.26 34.83
CA VAL A 129 -22.81 8.28 35.86
C VAL A 129 -21.71 8.94 36.67
N VAL A 130 -21.90 9.05 37.97
CA VAL A 130 -20.90 9.68 38.82
C VAL A 130 -20.17 8.60 39.60
N TYR A 131 -18.85 8.70 39.60
CA TYR A 131 -18.00 7.72 40.28
C TYR A 131 -17.32 8.31 41.50
N ASP A 132 -16.90 7.44 42.40
CA ASP A 132 -16.19 7.86 43.61
C ASP A 132 -14.87 8.43 43.12
N LYS A 133 -14.32 9.38 43.88
CA LYS A 133 -13.06 10.02 43.52
C LYS A 133 -11.83 9.22 44.00
N GLU A 134 -11.88 8.72 45.23
CA GLU A 134 -10.77 7.93 45.78
C GLU A 134 -10.63 6.58 45.08
N ASP A 135 -11.77 6.01 44.72
CA ASP A 135 -11.82 4.73 44.05
C ASP A 135 -12.69 4.91 42.81
N PRO A 136 -12.10 5.39 41.72
CA PRO A 136 -12.77 5.64 40.43
C PRO A 136 -13.59 4.47 39.88
N SER A 137 -13.36 3.27 40.41
CA SER A 137 -14.09 2.10 39.94
C SER A 137 -15.45 2.01 40.60
N LYS A 138 -15.63 2.73 41.70
CA LYS A 138 -16.88 2.67 42.42
C LYS A 138 -17.95 3.63 41.89
N GLU A 139 -19.04 3.09 41.37
CA GLU A 139 -20.13 3.92 40.86
C GLU A 139 -20.98 4.44 42.04
N LEU A 140 -21.19 5.76 42.11
CA LEU A 140 -22.01 6.31 43.19
C LEU A 140 -23.49 6.38 42.83
N PHE A 141 -23.81 6.90 41.64
CA PHE A 141 -25.20 7.01 41.22
C PHE A 141 -25.30 7.53 39.78
N THR A 142 -26.49 7.45 39.21
CA THR A 142 -26.74 7.93 37.85
C THR A 142 -27.76 9.06 37.95
N THR A 143 -27.82 9.90 36.91
CA THR A 143 -28.76 11.04 36.91
C THR A 143 -28.81 11.70 35.53
N TYR A 144 -29.91 12.36 35.23
CA TYR A 144 -30.06 13.06 33.96
C TYR A 144 -29.62 14.51 34.15
N GLU A 145 -29.39 14.91 35.40
CA GLU A 145 -28.94 16.29 35.69
C GLU A 145 -27.42 16.33 35.82
N TYR A 146 -26.76 17.13 34.99
CA TYR A 146 -25.31 17.22 35.05
C TYR A 146 -24.90 17.50 36.49
N PRO A 147 -24.09 16.61 37.08
CA PRO A 147 -23.62 16.72 38.46
C PRO A 147 -22.49 17.73 38.66
N HIS A 148 -22.82 19.02 38.59
CA HIS A 148 -21.82 20.07 38.74
C HIS A 148 -20.95 20.00 40.00
N GLU A 149 -21.57 19.78 41.16
CA GLU A 149 -20.82 19.71 42.41
C GLU A 149 -19.77 18.59 42.43
N TYR A 150 -20.11 17.42 41.88
CA TYR A 150 -19.14 16.31 41.85
C TYR A 150 -18.03 16.58 40.84
N LYS A 151 -18.41 17.17 39.72
CA LYS A 151 -17.44 17.52 38.69
C LYS A 151 -16.42 18.52 39.24
N GLU A 152 -16.90 19.56 39.92
CA GLU A 152 -15.99 20.56 40.46
C GLU A 152 -15.05 19.99 41.52
N LYS A 153 -15.46 18.90 42.16
CA LYS A 153 -14.63 18.27 43.18
C LYS A 153 -13.73 17.18 42.61
N GLY A 154 -13.73 17.02 41.29
CA GLY A 154 -12.85 16.03 40.67
C GLY A 154 -13.33 14.60 40.52
N HIS A 155 -14.63 14.36 40.70
CA HIS A 155 -15.18 13.03 40.54
C HIS A 155 -15.27 12.66 39.06
N PRO A 156 -14.94 11.40 38.71
CA PRO A 156 -15.03 11.00 37.32
C PRO A 156 -16.52 10.98 36.97
N VAL A 157 -16.87 11.44 35.77
CA VAL A 157 -18.27 11.45 35.33
C VAL A 157 -18.31 10.99 33.87
N THR A 158 -19.17 10.02 33.58
CA THR A 158 -19.29 9.52 32.23
C THR A 158 -20.74 9.62 31.80
N ILE A 159 -20.98 9.34 30.53
CA ILE A 159 -22.34 9.36 30.01
C ILE A 159 -22.57 7.99 29.41
N LYS A 160 -23.70 7.38 29.74
CA LYS A 160 -24.04 6.07 29.22
C LYS A 160 -25.29 6.17 28.35
N PHE A 161 -25.36 5.33 27.33
CA PHE A 161 -26.50 5.27 26.43
C PHE A 161 -27.50 4.29 27.01
N LYS A 162 -28.78 4.66 27.00
CA LYS A 162 -29.84 3.81 27.53
C LYS A 162 -30.43 2.91 26.45
N VAL A 163 -30.12 1.62 26.54
CA VAL A 163 -30.60 0.67 25.56
C VAL A 163 -32.08 0.37 25.75
N LEU A 164 -32.84 0.54 24.67
CA LEU A 164 -34.27 0.28 24.67
C LEU A 164 -34.53 -1.16 24.24
N PRO A 165 -35.54 -1.81 24.84
CA PRO A 165 -35.80 -3.19 24.43
C PRO A 165 -36.20 -3.24 22.96
N GLY A 166 -36.07 -4.41 22.34
CA GLY A 166 -36.46 -4.51 20.95
C GLY A 166 -35.43 -5.14 20.04
N LYS A 167 -35.62 -4.95 18.74
CA LYS A 167 -34.71 -5.51 17.74
C LYS A 167 -34.06 -4.42 16.89
N THR A 168 -32.80 -4.66 16.54
CA THR A 168 -32.04 -3.73 15.71
C THR A 168 -31.61 -4.53 14.47
N SER A 169 -31.97 -4.06 13.30
CA SER A 169 -31.63 -4.79 12.08
C SER A 169 -31.24 -3.90 10.91
N PHE A 170 -30.53 -4.49 9.96
CA PHE A 170 -30.13 -3.76 8.76
C PHE A 170 -29.73 -4.77 7.68
N GLU A 171 -29.79 -4.32 6.43
CA GLU A 171 -29.43 -5.15 5.29
C GLU A 171 -28.06 -4.69 4.80
N ASP A 172 -27.03 -5.47 5.10
CA ASP A 172 -25.67 -5.13 4.68
C ASP A 172 -25.50 -5.52 3.21
N LEU A 173 -24.86 -4.65 2.43
CA LEU A 173 -24.65 -4.92 0.99
C LEU A 173 -23.94 -6.24 0.69
N LEU A 174 -23.03 -6.66 1.56
CA LEU A 174 -22.34 -7.92 1.33
C LEU A 174 -22.67 -9.00 2.35
N LYS A 175 -22.99 -8.62 3.57
CA LYS A 175 -23.28 -9.61 4.60
C LYS A 175 -24.76 -9.97 4.73
N GLY A 176 -25.63 -9.30 3.98
CA GLY A 176 -27.05 -9.59 4.04
C GLY A 176 -27.80 -9.07 5.27
N TYR A 177 -29.06 -9.49 5.41
CA TYR A 177 -29.91 -9.09 6.54
C TYR A 177 -29.30 -9.50 7.88
N MET A 178 -29.12 -8.52 8.76
CA MET A 178 -28.54 -8.76 10.09
C MET A 178 -29.57 -8.31 11.13
N GLU A 179 -29.75 -9.10 12.19
CA GLU A 179 -30.70 -8.75 13.23
C GLU A 179 -30.04 -8.82 14.59
N PHE A 180 -30.46 -7.96 15.52
CA PHE A 180 -29.85 -7.94 16.84
C PHE A 180 -30.89 -7.70 17.95
N ASP A 181 -30.77 -8.49 19.02
CA ASP A 181 -31.67 -8.40 20.17
C ASP A 181 -31.08 -7.38 21.15
N ASN A 182 -31.72 -6.22 21.25
CA ASN A 182 -31.27 -5.15 22.14
C ASN A 182 -31.04 -5.61 23.58
N SER A 183 -31.95 -6.45 24.07
CA SER A 183 -31.88 -6.97 25.44
C SER A 183 -30.55 -7.59 25.82
N THR A 184 -29.78 -8.06 24.83
CA THR A 184 -28.48 -8.66 25.11
C THR A 184 -27.38 -7.63 25.34
N LEU A 185 -27.71 -6.35 25.21
CA LEU A 185 -26.73 -5.28 25.38
C LEU A 185 -27.05 -4.39 26.58
N GLU A 186 -26.09 -4.26 27.50
CA GLU A 186 -26.26 -3.42 28.68
C GLU A 186 -25.97 -1.96 28.31
N ASP A 187 -26.54 -1.01 29.06
CA ASP A 187 -26.29 0.40 28.78
C ASP A 187 -24.79 0.58 28.69
N PHE A 188 -24.34 1.33 27.69
CA PHE A 188 -22.91 1.51 27.47
C PHE A 188 -22.46 2.96 27.40
N ILE A 189 -21.21 3.20 27.78
CA ILE A 189 -20.64 4.52 27.78
C ILE A 189 -20.47 5.03 26.35
N ILE A 190 -20.75 6.32 26.17
CA ILE A 190 -20.59 6.98 24.88
C ILE A 190 -19.65 8.17 25.07
N MET A 191 -19.51 8.64 26.30
CA MET A 191 -18.59 9.74 26.62
C MET A 191 -17.78 9.34 27.86
N LYS A 192 -16.46 9.28 27.71
CA LYS A 192 -15.58 8.89 28.81
C LYS A 192 -15.33 10.02 29.78
N SER A 193 -14.84 9.68 30.97
CA SER A 193 -14.58 10.70 32.00
C SER A 193 -13.54 11.73 31.61
N ASN A 194 -12.68 11.41 30.65
CA ASN A 194 -11.66 12.35 30.21
C ASN A 194 -12.20 13.35 29.17
N GLY A 195 -13.48 13.25 28.83
CA GLY A 195 -14.05 14.17 27.87
C GLY A 195 -14.03 13.70 26.43
N PHE A 196 -13.46 12.52 26.20
CA PHE A 196 -13.39 11.93 24.86
C PHE A 196 -14.55 10.97 24.59
N PRO A 197 -15.02 10.91 23.34
CA PRO A 197 -16.12 10.00 23.01
C PRO A 197 -15.60 8.58 22.84
N THR A 198 -16.49 7.59 22.87
CA THR A 198 -16.05 6.23 22.60
C THR A 198 -16.01 6.21 21.08
N TYR A 199 -15.35 5.21 20.48
CA TYR A 199 -15.27 5.15 19.02
C TYR A 199 -16.63 5.06 18.34
N ASN A 200 -17.52 4.22 18.84
CA ASN A 200 -18.83 4.04 18.23
C ASN A 200 -19.68 5.33 18.22
N PHE A 201 -19.64 6.10 19.29
CA PHE A 201 -20.41 7.33 19.35
C PHE A 201 -19.85 8.37 18.37
N ALA A 202 -18.53 8.54 18.37
CA ALA A 202 -17.86 9.50 17.49
C ALA A 202 -18.16 9.16 16.02
N VAL A 203 -18.11 7.88 15.67
CA VAL A 203 -18.35 7.45 14.30
C VAL A 203 -19.77 7.79 13.80
N VAL A 204 -20.78 7.52 14.61
CA VAL A 204 -22.17 7.83 14.22
C VAL A 204 -22.40 9.34 14.11
N VAL A 205 -21.95 10.10 15.10
CA VAL A 205 -22.11 11.54 15.06
C VAL A 205 -21.43 12.10 13.80
N ASP A 206 -20.24 11.60 13.47
CA ASP A 206 -19.52 12.10 12.30
C ASP A 206 -20.08 11.60 10.97
N ASP A 207 -20.48 10.34 10.89
CA ASP A 207 -21.05 9.86 9.64
C ASP A 207 -22.35 10.65 9.37
N HIS A 208 -23.09 10.94 10.44
CA HIS A 208 -24.31 11.71 10.27
C HIS A 208 -24.03 13.15 9.84
N LEU A 209 -23.24 13.87 10.63
CA LEU A 209 -22.95 15.27 10.33
C LEU A 209 -22.17 15.48 9.03
N MET A 210 -21.35 14.50 8.63
CA MET A 210 -20.61 14.64 7.37
C MET A 210 -21.50 14.13 6.23
N ARG A 211 -22.75 13.85 6.54
CA ARG A 211 -23.74 13.40 5.56
C ARG A 211 -23.31 12.22 4.67
N ILE A 212 -22.78 11.19 5.32
CA ILE A 212 -22.33 9.98 4.63
C ILE A 212 -23.57 9.16 4.26
N SER A 213 -23.66 8.80 2.99
CA SER A 213 -24.80 8.00 2.50
C SER A 213 -24.48 6.53 2.55
N HIS A 214 -23.21 6.20 2.37
CA HIS A 214 -22.78 4.81 2.37
C HIS A 214 -21.53 4.62 3.21
N VAL A 215 -21.60 3.68 4.14
CA VAL A 215 -20.48 3.35 5.00
C VAL A 215 -19.91 2.00 4.55
N PHE A 216 -18.78 2.05 3.82
CA PHE A 216 -18.11 0.86 3.32
C PHE A 216 -16.83 0.71 4.17
N ARG A 217 -16.81 -0.30 5.03
CA ARG A 217 -15.66 -0.50 5.91
C ARG A 217 -15.34 -1.98 6.09
N GLY A 218 -14.22 -2.27 6.75
CA GLY A 218 -13.82 -3.65 6.97
C GLY A 218 -14.81 -4.44 7.82
N GLU A 219 -14.87 -5.74 7.58
CA GLU A 219 -15.78 -6.61 8.32
C GLU A 219 -15.48 -6.66 9.83
N ASP A 220 -14.30 -6.21 10.24
CA ASP A 220 -13.99 -6.22 11.68
C ASP A 220 -14.90 -5.23 12.43
N HIS A 221 -15.66 -4.43 11.69
CA HIS A 221 -16.58 -3.44 12.30
C HIS A 221 -18.03 -3.88 12.22
N LEU A 222 -18.28 -5.05 11.61
CA LEU A 222 -19.64 -5.54 11.47
C LEU A 222 -20.34 -5.62 12.81
N SER A 223 -19.66 -6.16 13.81
CA SER A 223 -20.25 -6.33 15.13
C SER A 223 -20.54 -5.03 15.89
N ASN A 224 -19.90 -3.94 15.48
CA ASN A 224 -20.11 -2.62 16.09
C ASN A 224 -21.37 -1.97 15.53
N THR A 225 -21.88 -2.52 14.43
CA THR A 225 -23.03 -1.91 13.75
C THR A 225 -24.37 -1.83 14.50
N PRO A 226 -24.77 -2.89 15.22
CA PRO A 226 -26.06 -2.77 15.92
C PRO A 226 -26.02 -1.59 16.91
N LYS A 227 -24.90 -1.44 17.60
CA LYS A 227 -24.74 -0.37 18.57
C LYS A 227 -24.83 0.98 17.88
N GLN A 228 -24.18 1.11 16.71
CA GLN A 228 -24.22 2.37 15.98
C GLN A 228 -25.66 2.67 15.53
N LEU A 229 -26.38 1.66 15.05
CA LEU A 229 -27.76 1.85 14.61
C LEU A 229 -28.65 2.32 15.76
N MET A 230 -28.36 1.86 16.97
CA MET A 230 -29.12 2.28 18.14
C MET A 230 -28.94 3.79 18.38
N ILE A 231 -27.72 4.28 18.21
CA ILE A 231 -27.45 5.70 18.41
C ILE A 231 -28.14 6.53 17.32
N TYR A 232 -28.06 6.08 16.06
CA TYR A 232 -28.76 6.82 14.98
C TYR A 232 -30.23 6.93 15.36
N GLU A 233 -30.81 5.83 15.82
CA GLU A 233 -32.21 5.80 16.20
C GLU A 233 -32.53 6.72 17.37
N ALA A 234 -31.65 6.76 18.36
CA ALA A 234 -31.91 7.62 19.51
C ALA A 234 -31.98 9.09 19.09
N PHE A 235 -31.26 9.47 18.04
CA PHE A 235 -31.25 10.86 17.57
C PHE A 235 -32.36 11.09 16.55
N GLY A 236 -33.03 10.02 16.13
CA GLY A 236 -34.06 10.19 15.12
C GLY A 236 -33.41 10.39 13.76
N TRP A 237 -32.20 9.86 13.59
CA TRP A 237 -31.51 9.98 12.31
C TRP A 237 -31.63 8.73 11.45
N GLU A 238 -31.63 8.93 10.13
CA GLU A 238 -31.69 7.81 9.19
C GLU A 238 -30.26 7.30 9.03
N ALA A 239 -30.04 6.01 9.28
CA ALA A 239 -28.70 5.46 9.13
C ALA A 239 -28.32 5.31 7.67
N PRO A 240 -27.02 5.42 7.36
CA PRO A 240 -26.62 5.27 5.96
C PRO A 240 -26.67 3.80 5.56
N VAL A 241 -26.39 3.53 4.29
CA VAL A 241 -26.34 2.15 3.79
C VAL A 241 -24.99 1.59 4.22
N PHE A 242 -24.98 0.36 4.70
CA PHE A 242 -23.74 -0.26 5.15
C PHE A 242 -23.28 -1.42 4.26
N MET A 243 -21.97 -1.58 4.16
CA MET A 243 -21.37 -2.69 3.44
C MET A 243 -20.09 -3.05 4.19
N HIS A 244 -20.02 -4.29 4.69
CA HIS A 244 -18.81 -4.70 5.37
C HIS A 244 -17.97 -5.63 4.50
N ILE A 245 -16.85 -5.07 4.06
CA ILE A 245 -15.91 -5.75 3.18
C ILE A 245 -15.06 -6.78 3.90
N PRO A 246 -15.12 -8.06 3.47
CA PRO A 246 -14.32 -9.09 4.13
C PRO A 246 -12.84 -8.65 4.15
N LEU A 247 -12.13 -9.08 5.17
CA LEU A 247 -10.73 -8.71 5.36
C LEU A 247 -9.73 -9.41 4.43
N ILE A 248 -8.53 -8.85 4.34
CA ILE A 248 -7.46 -9.45 3.57
C ILE A 248 -6.78 -10.32 4.61
N LEU A 249 -6.58 -11.60 4.27
CA LEU A 249 -5.99 -12.56 5.19
C LEU A 249 -4.66 -13.12 4.75
N GLY A 250 -3.98 -13.76 5.70
CA GLY A 250 -2.71 -14.43 5.44
C GLY A 250 -3.11 -15.84 4.99
N SER A 251 -2.16 -16.71 4.70
CA SER A 251 -2.50 -18.05 4.22
C SER A 251 -3.25 -18.90 5.23
N ASP A 252 -3.04 -18.65 6.52
CA ASP A 252 -3.73 -19.40 7.57
C ASP A 252 -5.12 -18.83 7.84
N ARG A 253 -5.55 -17.91 6.98
CA ARG A 253 -6.85 -17.29 7.10
C ARG A 253 -7.08 -16.33 8.28
N THR A 254 -6.01 -15.83 8.88
CA THR A 254 -6.14 -14.84 9.95
C THR A 254 -5.86 -13.49 9.27
N PRO A 255 -6.31 -12.37 9.85
CA PRO A 255 -6.03 -11.09 9.16
C PRO A 255 -4.55 -10.94 8.83
N LEU A 256 -4.25 -10.54 7.59
CA LEU A 256 -2.87 -10.35 7.15
C LEU A 256 -2.07 -9.53 8.15
N SER A 257 -0.98 -10.12 8.65
CA SER A 257 -0.14 -9.47 9.63
C SER A 257 1.34 -9.59 9.30
N LYS A 258 2.16 -8.88 10.07
CA LYS A 258 3.61 -8.86 9.90
C LYS A 258 4.19 -10.28 9.77
N ARG A 259 3.64 -11.23 10.51
CA ARG A 259 4.12 -12.59 10.48
C ARG A 259 3.87 -13.28 9.14
N HIS A 260 2.94 -12.74 8.35
CA HIS A 260 2.65 -13.32 7.05
C HIS A 260 3.65 -12.75 6.03
N GLY A 261 4.11 -11.54 6.32
CA GLY A 261 5.06 -10.87 5.45
C GLY A 261 4.72 -9.39 5.46
N ALA A 262 5.06 -8.69 4.38
CA ALA A 262 4.77 -7.26 4.29
C ALA A 262 3.27 -7.00 4.34
N THR A 263 2.87 -5.86 4.89
CA THR A 263 1.46 -5.52 4.94
C THR A 263 1.18 -4.05 4.62
N SER A 264 2.18 -3.20 4.74
CA SER A 264 1.98 -1.77 4.50
C SER A 264 2.20 -1.41 3.04
N VAL A 265 1.42 -0.44 2.57
CA VAL A 265 1.52 0.05 1.20
C VAL A 265 2.96 0.54 0.97
N GLU A 266 3.47 1.28 1.95
CA GLU A 266 4.83 1.82 1.89
C GLU A 266 5.87 0.74 1.62
N HIS A 267 5.65 -0.46 2.15
CA HIS A 267 6.61 -1.54 1.94
C HIS A 267 6.61 -1.99 0.48
N PHE A 268 5.42 -2.21 -0.07
CA PHE A 268 5.35 -2.64 -1.46
C PHE A 268 5.87 -1.55 -2.37
N ARG A 269 5.61 -0.30 -2.02
CA ARG A 269 6.10 0.82 -2.82
C ARG A 269 7.64 0.81 -2.84
N ARG A 270 8.24 0.59 -1.67
CA ARG A 270 9.69 0.56 -1.54
C ARG A 270 10.32 -0.63 -2.28
N GLU A 271 9.64 -1.77 -2.29
CA GLU A 271 10.16 -2.96 -2.98
C GLU A 271 10.05 -2.82 -4.49
N GLY A 272 9.33 -1.82 -4.95
CA GLY A 272 9.22 -1.62 -6.39
C GLY A 272 7.95 -2.10 -7.06
N ILE A 273 6.87 -2.27 -6.30
CA ILE A 273 5.60 -2.67 -6.87
C ILE A 273 5.00 -1.37 -7.39
N LEU A 274 4.53 -1.37 -8.64
CA LEU A 274 3.93 -0.17 -9.21
C LEU A 274 2.56 0.07 -8.60
N SER A 275 2.22 1.33 -8.36
CA SER A 275 0.94 1.67 -7.77
C SER A 275 -0.19 1.02 -8.54
N ARG A 276 -0.21 1.24 -9.86
CA ARG A 276 -1.29 0.68 -10.67
C ARG A 276 -1.40 -0.84 -10.54
N ALA A 277 -0.28 -1.51 -10.31
CA ALA A 277 -0.28 -2.96 -10.14
C ALA A 277 -0.81 -3.38 -8.76
N LEU A 278 -0.40 -2.66 -7.70
CA LEU A 278 -0.89 -3.01 -6.37
C LEU A 278 -2.41 -2.85 -6.34
N MET A 279 -2.90 -1.74 -6.87
CA MET A 279 -4.33 -1.48 -6.87
C MET A 279 -5.09 -2.50 -7.72
N ASN A 280 -4.47 -2.92 -8.82
CA ASN A 280 -5.03 -3.95 -9.71
C ASN A 280 -5.22 -5.20 -8.86
N TYR A 281 -4.17 -5.57 -8.15
CA TYR A 281 -4.21 -6.77 -7.31
C TYR A 281 -5.25 -6.69 -6.19
N LEU A 282 -5.31 -5.56 -5.50
CA LEU A 282 -6.27 -5.42 -4.42
C LEU A 282 -7.71 -5.54 -4.95
N ALA A 283 -7.96 -5.07 -6.16
CA ALA A 283 -9.28 -5.16 -6.75
C ALA A 283 -9.52 -6.61 -7.24
N LEU A 284 -8.47 -7.21 -7.77
CA LEU A 284 -8.52 -8.58 -8.29
C LEU A 284 -8.82 -9.63 -7.20
N LEU A 285 -8.35 -9.39 -5.98
CA LEU A 285 -8.58 -10.33 -4.89
C LEU A 285 -10.05 -10.79 -4.74
N GLY A 286 -10.27 -12.09 -4.95
CA GLY A 286 -11.61 -12.64 -4.81
C GLY A 286 -12.57 -12.28 -5.93
N TRP A 287 -12.07 -11.61 -6.97
CA TRP A 287 -12.93 -11.22 -8.07
C TRP A 287 -12.65 -12.04 -9.32
N ARG A 288 -13.60 -12.89 -9.69
CA ARG A 288 -13.46 -13.69 -10.90
C ARG A 288 -13.76 -12.75 -12.06
N VAL A 289 -12.88 -11.76 -12.23
CA VAL A 289 -13.02 -10.76 -13.26
C VAL A 289 -13.20 -11.42 -14.63
N GLU A 290 -14.08 -10.83 -15.44
CA GLU A 290 -14.31 -11.35 -16.78
C GLU A 290 -13.36 -10.60 -17.68
N GLY A 291 -12.41 -11.32 -18.25
CA GLY A 291 -11.43 -10.70 -19.12
C GLY A 291 -10.06 -10.78 -18.50
N ASP A 292 -9.19 -9.87 -18.91
CA ASP A 292 -7.81 -9.83 -18.45
C ASP A 292 -7.69 -9.56 -16.95
N GLU A 293 -6.85 -10.35 -16.27
CA GLU A 293 -6.63 -10.15 -14.83
C GLU A 293 -5.75 -8.94 -14.64
N ILE A 294 -5.02 -8.58 -15.69
CA ILE A 294 -4.14 -7.41 -15.66
C ILE A 294 -4.97 -6.24 -16.15
N PHE A 295 -5.21 -5.28 -15.26
CA PHE A 295 -6.01 -4.11 -15.61
C PHE A 295 -5.72 -2.94 -14.67
N THR A 296 -6.20 -1.76 -15.03
CA THR A 296 -6.01 -0.58 -14.18
C THR A 296 -7.36 -0.25 -13.54
N ILE A 297 -7.32 0.42 -12.41
CA ILE A 297 -8.54 0.81 -11.71
C ILE A 297 -9.34 1.74 -12.63
N GLU A 298 -8.63 2.64 -13.30
CA GLU A 298 -9.26 3.58 -14.21
C GLU A 298 -10.21 2.92 -15.21
N GLU A 299 -9.74 1.89 -15.90
CA GLU A 299 -10.60 1.23 -16.88
C GLU A 299 -11.73 0.39 -16.28
N LYS A 300 -11.64 0.06 -15.01
CA LYS A 300 -12.70 -0.73 -14.37
C LYS A 300 -13.68 0.16 -13.63
N LEU A 301 -13.34 1.44 -13.51
CA LEU A 301 -14.15 2.40 -12.79
C LEU A 301 -15.60 2.56 -13.24
N GLN A 302 -15.83 2.61 -14.54
CA GLN A 302 -17.18 2.80 -15.05
C GLN A 302 -18.18 1.67 -14.84
N SER A 303 -17.68 0.44 -14.77
CA SER A 303 -18.57 -0.68 -14.54
C SER A 303 -18.49 -1.18 -13.10
N PHE A 304 -17.88 -0.39 -12.24
CA PHE A 304 -17.75 -0.77 -10.83
C PHE A 304 -19.09 -1.05 -10.17
N ASP A 305 -19.20 -2.19 -9.49
CA ASP A 305 -20.42 -2.56 -8.79
C ASP A 305 -20.05 -3.24 -7.47
N PRO A 306 -20.38 -2.58 -6.35
CA PRO A 306 -20.09 -3.11 -5.01
C PRO A 306 -20.40 -4.60 -4.85
N LYS A 307 -21.42 -5.09 -5.56
CA LYS A 307 -21.77 -6.50 -5.42
C LYS A 307 -20.82 -7.46 -6.13
N ASP A 308 -19.90 -6.93 -6.93
CA ASP A 308 -18.93 -7.78 -7.59
C ASP A 308 -17.92 -8.22 -6.52
N ILE A 309 -17.87 -7.48 -5.41
CA ILE A 309 -16.96 -7.79 -4.32
C ILE A 309 -17.31 -9.09 -3.63
N SER A 310 -16.30 -9.91 -3.37
CA SER A 310 -16.51 -11.20 -2.72
C SER A 310 -16.97 -11.00 -1.29
N ASN A 311 -17.92 -11.84 -0.84
CA ASN A 311 -18.44 -11.76 0.51
C ASN A 311 -17.64 -12.65 1.45
N LYS A 312 -16.49 -13.11 0.98
CA LYS A 312 -15.63 -13.95 1.80
C LYS A 312 -14.26 -13.30 1.84
N GLY A 313 -13.52 -13.58 2.92
CA GLY A 313 -12.18 -13.03 3.06
C GLY A 313 -11.32 -13.44 1.89
N VAL A 314 -10.24 -12.70 1.66
CA VAL A 314 -9.36 -12.99 0.56
C VAL A 314 -7.94 -13.19 1.07
N ILE A 315 -7.23 -14.15 0.50
CA ILE A 315 -5.88 -14.42 0.94
C ILE A 315 -4.84 -13.68 0.08
N PHE A 316 -4.00 -12.88 0.74
CA PHE A 316 -2.98 -12.13 0.03
C PHE A 316 -1.89 -13.10 -0.44
N ASP A 317 -1.59 -13.07 -1.74
CA ASP A 317 -0.57 -13.97 -2.28
C ASP A 317 0.56 -13.11 -2.84
N TYR A 318 1.65 -13.02 -2.09
CA TYR A 318 2.81 -12.21 -2.47
C TYR A 318 3.39 -12.56 -3.82
N GLN A 319 3.43 -13.85 -4.13
CA GLN A 319 3.95 -14.30 -5.41
C GLN A 319 3.05 -13.77 -6.55
N LYS A 320 1.74 -13.94 -6.41
CA LYS A 320 0.83 -13.46 -7.44
C LYS A 320 0.96 -11.94 -7.62
N LEU A 321 1.13 -11.20 -6.53
CA LEU A 321 1.29 -9.75 -6.63
C LEU A 321 2.49 -9.40 -7.51
N GLU A 322 3.61 -10.09 -7.27
CA GLU A 322 4.83 -9.82 -8.02
C GLU A 322 4.62 -10.18 -9.50
N TRP A 323 3.86 -11.23 -9.75
CA TRP A 323 3.56 -11.66 -11.12
C TRP A 323 2.74 -10.55 -11.81
N VAL A 324 1.75 -10.03 -11.09
CA VAL A 324 0.91 -8.96 -11.64
C VAL A 324 1.78 -7.74 -11.96
N ASN A 325 2.69 -7.43 -11.06
CA ASN A 325 3.57 -6.30 -11.24
C ASN A 325 4.43 -6.48 -12.49
N GLY A 326 4.97 -7.69 -12.66
CA GLY A 326 5.80 -7.96 -13.82
C GLY A 326 5.04 -7.73 -15.11
N LYS A 327 3.78 -8.15 -15.11
CA LYS A 327 2.93 -7.98 -16.29
C LYS A 327 2.81 -6.51 -16.65
N HIS A 328 2.60 -5.66 -15.65
CA HIS A 328 2.48 -4.23 -15.89
C HIS A 328 3.79 -3.62 -16.39
N MET A 329 4.89 -3.98 -15.74
CA MET A 329 6.21 -3.46 -16.12
C MET A 329 6.52 -3.74 -17.61
N ARG A 330 6.11 -4.90 -18.11
CA ARG A 330 6.37 -5.25 -19.51
C ARG A 330 5.31 -4.75 -20.49
N ARG A 331 4.11 -4.51 -19.99
CA ARG A 331 3.03 -4.05 -20.85
C ARG A 331 3.04 -2.55 -21.11
N ILE A 332 3.34 -1.75 -20.09
CA ILE A 332 3.34 -0.30 -20.27
C ILE A 332 4.39 0.20 -21.24
N ASP A 333 4.23 1.44 -21.66
CA ASP A 333 5.16 2.05 -22.59
C ASP A 333 6.53 2.15 -21.93
N LEU A 334 7.60 1.93 -22.71
CA LEU A 334 8.94 2.00 -22.16
C LEU A 334 9.22 3.28 -21.38
N GLU A 335 8.74 4.41 -21.89
CA GLU A 335 8.97 5.69 -21.21
C GLU A 335 8.10 5.81 -19.95
N ASP A 336 6.97 5.11 -19.94
CA ASP A 336 6.08 5.11 -18.77
C ASP A 336 6.90 4.35 -17.70
N LEU A 337 7.49 3.24 -18.11
CA LEU A 337 8.31 2.45 -17.19
C LEU A 337 9.51 3.28 -16.73
N LYS A 338 10.10 4.04 -17.64
CA LYS A 338 11.25 4.86 -17.27
C LYS A 338 10.88 5.85 -16.17
N ARG A 339 9.75 6.54 -16.31
CA ARG A 339 9.32 7.49 -15.27
C ARG A 339 9.08 6.76 -13.94
N GLU A 340 8.39 5.62 -13.99
CA GLU A 340 8.13 4.86 -12.76
C GLU A 340 9.45 4.53 -12.11
N PHE A 341 10.41 4.08 -12.90
CA PHE A 341 11.74 3.72 -12.42
C PHE A 341 12.48 4.90 -11.80
N ILE A 342 12.51 6.03 -12.50
CA ILE A 342 13.21 7.20 -12.00
C ILE A 342 12.64 7.70 -10.67
N GLU A 343 11.31 7.81 -10.59
CA GLU A 343 10.66 8.28 -9.36
C GLU A 343 10.89 7.32 -8.20
N TRP A 344 10.79 6.02 -8.46
CA TRP A 344 10.99 5.01 -7.42
C TRP A 344 12.40 5.14 -6.83
N ALA A 345 13.38 5.25 -7.73
CA ALA A 345 14.78 5.36 -7.33
C ALA A 345 15.00 6.58 -6.45
N LYS A 346 14.44 7.71 -6.88
CA LYS A 346 14.57 8.96 -6.14
C LYS A 346 13.93 8.75 -4.77
N TYR A 347 12.75 8.16 -4.75
CA TYR A 347 12.05 7.89 -3.51
C TYR A 347 12.86 6.97 -2.59
N ALA A 348 13.52 5.97 -3.18
CA ALA A 348 14.31 5.02 -2.42
C ALA A 348 15.68 5.58 -1.99
N GLY A 349 16.00 6.78 -2.44
CA GLY A 349 17.27 7.38 -2.05
C GLY A 349 18.49 6.98 -2.84
N LYS A 350 18.28 6.52 -4.07
CA LYS A 350 19.39 6.13 -4.91
C LYS A 350 18.98 6.43 -6.34
N GLU A 351 18.87 7.72 -6.66
CA GLU A 351 18.47 8.13 -7.98
C GLU A 351 19.44 7.72 -9.08
N ILE A 352 18.89 7.54 -10.28
CA ILE A 352 19.63 7.14 -11.45
C ILE A 352 20.57 8.25 -11.95
N PRO A 353 21.82 7.90 -12.30
CA PRO A 353 22.78 8.89 -12.80
C PRO A 353 22.21 9.47 -14.07
N SER A 354 22.84 10.52 -14.59
CA SER A 354 22.36 11.12 -15.83
C SER A 354 23.00 10.38 -17.01
N VAL A 355 22.18 9.89 -17.93
CA VAL A 355 22.68 9.17 -19.09
C VAL A 355 21.89 9.54 -20.34
N ASP A 356 22.35 9.06 -21.50
CA ASP A 356 21.68 9.32 -22.76
C ASP A 356 20.28 8.73 -22.70
N GLU A 357 19.29 9.47 -23.18
CA GLU A 357 17.90 9.00 -23.15
C GLU A 357 17.60 7.77 -24.00
N ARG A 358 18.23 7.67 -25.16
CA ARG A 358 18.02 6.52 -26.05
C ARG A 358 18.60 5.28 -25.39
N TYR A 359 19.81 5.44 -24.87
CA TYR A 359 20.52 4.36 -24.19
C TYR A 359 19.72 3.88 -22.98
N PHE A 360 19.14 4.85 -22.26
CA PHE A 360 18.34 4.56 -21.06
C PHE A 360 17.17 3.68 -21.48
N SER A 361 16.51 4.07 -22.56
CA SER A 361 15.36 3.32 -23.05
C SER A 361 15.75 1.93 -23.52
N GLU A 362 16.86 1.83 -24.25
CA GLU A 362 17.33 0.55 -24.76
C GLU A 362 17.70 -0.43 -23.66
N THR A 363 18.47 0.04 -22.69
CA THR A 363 18.85 -0.83 -21.59
C THR A 363 17.62 -1.26 -20.79
N LEU A 364 16.63 -0.35 -20.68
CA LEU A 364 15.39 -0.64 -19.95
C LEU A 364 14.62 -1.74 -20.68
N ARG A 365 14.52 -1.60 -22.00
CA ARG A 365 13.81 -2.56 -22.82
C ARG A 365 14.38 -3.96 -22.66
N ILE A 366 15.70 -4.04 -22.54
CA ILE A 366 16.40 -5.30 -22.38
C ILE A 366 16.30 -5.86 -20.95
N CYS A 367 16.51 -5.01 -19.96
CA CYS A 367 16.46 -5.43 -18.57
C CYS A 367 15.09 -5.78 -17.97
N ARG A 368 14.03 -5.20 -18.51
CA ARG A 368 12.70 -5.45 -17.98
C ARG A 368 12.12 -6.82 -18.35
N GLU A 369 12.72 -7.52 -19.30
CA GLU A 369 12.17 -8.82 -19.63
C GLU A 369 12.44 -9.82 -18.53
N LYS A 370 13.49 -9.58 -17.77
CA LYS A 370 13.98 -10.45 -16.71
C LYS A 370 13.58 -10.19 -15.24
N VAL A 371 12.94 -9.06 -14.97
CA VAL A 371 12.61 -8.74 -13.57
C VAL A 371 11.14 -8.45 -13.34
N ASN A 372 10.70 -8.51 -12.07
CA ASN A 372 9.30 -8.27 -11.74
C ASN A 372 9.00 -7.13 -10.76
N THR A 373 10.03 -6.39 -10.34
CA THR A 373 9.84 -5.25 -9.44
C THR A 373 10.84 -4.19 -9.81
N LEU A 374 10.55 -2.94 -9.50
CA LEU A 374 11.45 -1.84 -9.81
C LEU A 374 12.80 -1.98 -9.11
N SER A 375 12.82 -2.66 -7.95
CA SER A 375 14.06 -2.88 -7.22
C SER A 375 14.94 -3.91 -7.96
N GLN A 376 14.32 -4.99 -8.44
CA GLN A 376 15.08 -6.01 -9.20
C GLN A 376 15.60 -5.32 -10.48
N LEU A 377 14.77 -4.44 -11.05
CA LEU A 377 15.15 -3.71 -12.25
C LEU A 377 16.35 -2.82 -11.93
N TYR A 378 16.35 -2.18 -10.77
CA TYR A 378 17.45 -1.32 -10.37
C TYR A 378 18.77 -2.10 -10.28
N ASP A 379 18.71 -3.29 -9.68
CA ASP A 379 19.90 -4.10 -9.50
C ASP A 379 20.57 -4.49 -10.80
N ILE A 380 19.79 -4.93 -11.78
CA ILE A 380 20.39 -5.33 -13.05
C ILE A 380 20.71 -4.12 -13.92
N MET A 381 20.02 -3.00 -13.70
CA MET A 381 20.27 -1.78 -14.48
C MET A 381 21.51 -1.05 -13.98
N TYR A 382 21.90 -1.27 -12.73
CA TYR A 382 23.07 -0.58 -12.19
C TYR A 382 24.35 -0.67 -13.04
N PRO A 383 24.78 -1.88 -13.42
CA PRO A 383 26.00 -1.94 -14.24
C PRO A 383 25.85 -1.24 -15.60
N PHE A 384 24.61 -1.13 -16.08
CA PHE A 384 24.37 -0.46 -17.35
C PHE A 384 24.44 1.07 -17.15
N MET A 385 23.95 1.52 -16.01
CA MET A 385 23.91 2.94 -15.68
C MET A 385 25.19 3.52 -15.05
N ASN A 386 26.01 2.67 -14.45
CA ASN A 386 27.23 3.14 -13.78
C ASN A 386 28.47 2.33 -14.14
N ASP A 387 29.63 2.99 -14.14
CA ASP A 387 30.88 2.29 -14.46
C ASP A 387 31.55 1.74 -13.22
N ASP A 388 31.07 2.14 -12.04
CA ASP A 388 31.65 1.68 -10.79
C ASP A 388 30.99 0.45 -10.21
N TYR A 389 30.29 -0.32 -11.04
CA TYR A 389 29.62 -1.52 -10.57
C TYR A 389 30.63 -2.46 -9.91
N GLU A 390 30.17 -3.23 -8.94
CA GLU A 390 31.01 -4.18 -8.22
C GLU A 390 30.97 -5.57 -8.85
N TYR A 391 32.03 -6.34 -8.64
CA TYR A 391 32.09 -7.70 -9.18
C TYR A 391 31.55 -8.66 -8.13
N GLU A 392 30.60 -9.51 -8.49
CA GLU A 392 30.06 -10.46 -7.53
C GLU A 392 31.18 -11.37 -7.01
N LYS A 393 31.00 -11.84 -5.78
CA LYS A 393 31.97 -12.72 -5.14
C LYS A 393 32.23 -13.98 -5.97
N ASP A 394 31.15 -14.65 -6.38
CA ASP A 394 31.28 -15.88 -7.16
C ASP A 394 31.95 -15.68 -8.51
N TYR A 395 31.84 -14.49 -9.08
CA TYR A 395 32.48 -14.23 -10.36
C TYR A 395 33.98 -14.24 -10.17
N VAL A 396 34.44 -13.47 -9.18
CA VAL A 396 35.85 -13.38 -8.87
C VAL A 396 36.43 -14.75 -8.50
N GLU A 397 35.77 -15.47 -7.61
CA GLU A 397 36.27 -16.77 -7.16
C GLU A 397 36.14 -17.91 -8.16
N LYS A 398 34.99 -18.00 -8.80
CA LYS A 398 34.73 -19.07 -9.74
C LYS A 398 35.35 -18.86 -11.13
N PHE A 399 35.49 -17.61 -11.57
CA PHE A 399 36.04 -17.39 -12.89
C PHE A 399 37.27 -16.51 -13.02
N LEU A 400 37.21 -15.31 -12.45
CA LEU A 400 38.34 -14.38 -12.55
C LEU A 400 39.64 -14.91 -11.96
N LYS A 401 39.54 -15.83 -11.01
CA LYS A 401 40.72 -16.42 -10.39
C LYS A 401 41.32 -17.59 -11.18
N ARG A 402 40.59 -18.10 -12.16
CA ARG A 402 41.15 -19.22 -12.93
C ARG A 402 42.43 -18.77 -13.63
N GLU A 403 43.31 -19.72 -13.92
CA GLU A 403 44.58 -19.45 -14.56
C GLU A 403 44.46 -18.82 -15.95
N GLU A 404 43.47 -19.25 -16.71
CA GLU A 404 43.27 -18.73 -18.06
C GLU A 404 42.51 -17.42 -18.15
N ALA A 405 41.97 -16.94 -17.04
CA ALA A 405 41.19 -15.69 -17.06
C ALA A 405 41.90 -14.53 -17.74
N GLU A 406 43.15 -14.31 -17.38
CA GLU A 406 43.90 -13.20 -17.95
C GLU A 406 44.02 -13.24 -19.48
N ARG A 407 44.46 -14.38 -20.04
CA ARG A 407 44.62 -14.40 -21.49
C ARG A 407 43.29 -14.35 -22.23
N VAL A 408 42.22 -14.86 -21.61
CA VAL A 408 40.92 -14.79 -22.25
C VAL A 408 40.51 -13.30 -22.35
N LEU A 409 40.60 -12.57 -21.24
CA LEU A 409 40.23 -11.16 -21.26
C LEU A 409 41.15 -10.34 -22.16
N GLU A 410 42.44 -10.63 -22.17
CA GLU A 410 43.37 -9.87 -23.02
C GLU A 410 43.04 -10.11 -24.50
N GLU A 411 42.76 -11.37 -24.85
CA GLU A 411 42.43 -11.72 -26.22
C GLU A 411 41.06 -11.13 -26.61
N ALA A 412 40.10 -11.19 -25.70
CA ALA A 412 38.78 -10.62 -25.97
C ALA A 412 38.91 -9.12 -26.29
N LYS A 413 39.72 -8.43 -25.48
CA LYS A 413 39.94 -7.00 -25.66
C LYS A 413 40.57 -6.74 -27.03
N LYS A 414 41.54 -7.57 -27.40
CA LYS A 414 42.21 -7.41 -28.68
C LYS A 414 41.26 -7.61 -29.86
N ALA A 415 40.46 -8.67 -29.84
CA ALA A 415 39.53 -8.93 -30.93
C ALA A 415 38.40 -7.90 -31.00
N PHE A 416 37.84 -7.53 -29.85
CA PHE A 416 36.77 -6.54 -29.84
C PHE A 416 37.30 -5.22 -30.39
N LYS A 417 38.50 -4.84 -29.96
CA LYS A 417 39.12 -3.60 -30.41
C LYS A 417 39.22 -3.58 -31.93
N ASP A 418 39.53 -4.72 -32.54
CA ASP A 418 39.66 -4.78 -33.99
C ASP A 418 38.35 -4.88 -34.75
N LEU A 419 37.24 -4.99 -34.03
CA LEU A 419 35.94 -5.07 -34.69
C LEU A 419 35.60 -3.72 -35.31
N ASN A 420 35.23 -3.75 -36.59
CA ASN A 420 34.86 -2.53 -37.29
C ASN A 420 33.34 -2.40 -37.34
N SER A 421 32.65 -3.49 -37.03
CA SER A 421 31.20 -3.51 -37.03
C SER A 421 30.69 -4.10 -35.70
N TRP A 422 30.08 -3.26 -34.89
CA TRP A 422 29.59 -3.70 -33.59
C TRP A 422 28.19 -4.29 -33.62
N ASN A 423 28.03 -5.41 -34.30
CA ASN A 423 26.72 -6.07 -34.37
C ASN A 423 26.76 -7.41 -33.61
N MET A 424 25.59 -7.98 -33.36
CA MET A 424 25.54 -9.23 -32.61
C MET A 424 26.22 -10.42 -33.26
N GLU A 425 26.23 -10.47 -34.59
CA GLU A 425 26.89 -11.58 -35.27
C GLU A 425 28.39 -11.56 -34.97
N GLU A 426 29.01 -10.39 -35.14
CA GLU A 426 30.44 -10.23 -34.87
C GLU A 426 30.76 -10.43 -33.40
N ILE A 427 29.85 -9.99 -32.54
CA ILE A 427 30.04 -10.13 -31.11
C ILE A 427 29.99 -11.62 -30.78
N GLU A 428 29.04 -12.34 -31.36
CA GLU A 428 28.90 -13.78 -31.12
C GLU A 428 30.15 -14.51 -31.66
N LYS A 429 30.64 -14.08 -32.83
CA LYS A 429 31.82 -14.72 -33.40
C LYS A 429 33.05 -14.48 -32.53
N THR A 430 33.14 -13.28 -31.96
CA THR A 430 34.27 -12.96 -31.10
C THR A 430 34.34 -13.92 -29.93
N LEU A 431 33.20 -14.18 -29.31
CA LEU A 431 33.16 -15.11 -28.17
C LEU A 431 33.42 -16.54 -28.61
N ARG A 432 32.86 -16.93 -29.74
CA ARG A 432 33.07 -18.28 -30.28
C ARG A 432 34.56 -18.55 -30.49
N ASP A 433 35.26 -17.63 -31.16
CA ASP A 433 36.69 -17.80 -31.41
C ASP A 433 37.53 -18.00 -30.15
N LEU A 434 37.14 -17.38 -29.04
CA LEU A 434 37.89 -17.50 -27.79
C LEU A 434 37.90 -18.95 -27.27
N SER A 435 36.76 -19.64 -27.34
CA SER A 435 36.75 -21.04 -26.88
C SER A 435 37.24 -22.01 -27.97
N GLU A 436 36.90 -21.76 -29.22
CA GLU A 436 37.33 -22.68 -30.29
C GLU A 436 38.83 -22.67 -30.48
N LYS A 437 39.47 -21.55 -30.20
CA LYS A 437 40.93 -21.49 -30.35
C LYS A 437 41.66 -22.01 -29.11
N GLY A 438 40.88 -22.50 -28.13
CA GLY A 438 41.45 -23.11 -26.95
C GLY A 438 41.88 -22.29 -25.74
N LEU A 439 41.41 -21.05 -25.60
CA LEU A 439 41.79 -20.24 -24.46
C LEU A 439 41.09 -20.71 -23.19
N ALA A 440 39.89 -21.27 -23.36
CA ALA A 440 39.11 -21.78 -22.24
C ALA A 440 37.84 -22.41 -22.80
N SER A 441 37.07 -23.05 -21.92
CA SER A 441 35.82 -23.68 -22.34
C SER A 441 34.82 -22.58 -22.66
N LYS A 442 33.76 -22.93 -23.38
CA LYS A 442 32.73 -21.98 -23.75
C LYS A 442 32.11 -21.33 -22.51
N LYS A 443 31.83 -22.13 -21.49
CA LYS A 443 31.23 -21.62 -20.25
C LYS A 443 32.10 -20.56 -19.57
N VAL A 444 33.41 -20.84 -19.46
CA VAL A 444 34.31 -19.91 -18.82
C VAL A 444 34.44 -18.63 -19.66
N VAL A 445 34.44 -18.75 -20.98
CA VAL A 445 34.54 -17.59 -21.85
C VAL A 445 33.31 -16.71 -21.64
N PHE A 446 32.13 -17.32 -21.72
CA PHE A 446 30.90 -16.56 -21.54
C PHE A 446 30.82 -15.89 -20.17
N GLN A 447 31.10 -16.64 -19.11
CA GLN A 447 31.01 -16.06 -17.78
C GLN A 447 32.09 -15.03 -17.49
N LEU A 448 33.29 -15.23 -18.02
CA LEU A 448 34.36 -14.26 -17.80
C LEU A 448 33.99 -12.92 -18.42
N ILE A 449 33.45 -12.97 -19.64
CA ILE A 449 33.08 -11.73 -20.32
C ILE A 449 31.86 -11.09 -19.67
N ARG A 450 30.86 -11.91 -19.30
CA ARG A 450 29.65 -11.39 -18.68
C ARG A 450 29.99 -10.61 -17.41
N GLY A 451 30.72 -11.26 -16.51
CA GLY A 451 31.10 -10.64 -15.27
C GLY A 451 32.04 -9.47 -15.47
N ALA A 452 32.90 -9.53 -16.48
CA ALA A 452 33.81 -8.42 -16.72
C ALA A 452 33.05 -7.14 -17.06
N VAL A 453 31.98 -7.24 -17.86
CA VAL A 453 31.25 -6.05 -18.26
C VAL A 453 30.03 -5.66 -17.42
N THR A 454 29.58 -6.53 -16.52
CA THR A 454 28.43 -6.26 -15.66
C THR A 454 28.74 -6.56 -14.21
N GLY A 455 29.75 -7.39 -13.99
CA GLY A 455 30.13 -7.78 -12.64
C GLY A 455 29.25 -8.90 -12.13
N LYS A 456 28.29 -9.34 -12.96
CA LYS A 456 27.34 -10.39 -12.57
C LYS A 456 27.39 -11.65 -13.43
N LEU A 457 26.99 -12.75 -12.82
CA LEU A 457 26.97 -14.05 -13.50
C LEU A 457 25.61 -14.30 -14.17
N VAL A 458 24.61 -13.52 -13.80
CA VAL A 458 23.27 -13.67 -14.39
C VAL A 458 22.87 -12.31 -14.95
N THR A 459 22.59 -12.27 -16.25
CA THR A 459 22.23 -11.03 -16.92
C THR A 459 21.31 -11.30 -18.12
N PRO A 460 20.86 -10.23 -18.80
CA PRO A 460 20.01 -10.44 -19.98
C PRO A 460 20.97 -11.03 -21.03
N GLY A 461 20.45 -11.37 -22.21
CA GLY A 461 21.29 -11.96 -23.26
C GLY A 461 22.68 -11.35 -23.34
N LEU A 462 23.72 -12.19 -23.31
CA LEU A 462 25.08 -11.65 -23.35
C LEU A 462 25.41 -10.83 -24.60
N PHE A 463 24.97 -11.26 -25.78
CA PHE A 463 25.27 -10.51 -27.01
C PHE A 463 24.51 -9.18 -27.02
N GLU A 464 23.27 -9.18 -26.53
CA GLU A 464 22.48 -7.97 -26.46
C GLU A 464 23.13 -6.99 -25.50
N THR A 465 23.62 -7.52 -24.38
CA THR A 465 24.27 -6.71 -23.36
C THR A 465 25.53 -6.03 -23.92
N ILE A 466 26.38 -6.79 -24.60
CA ILE A 466 27.59 -6.23 -25.16
C ILE A 466 27.27 -5.22 -26.26
N GLU A 467 26.29 -5.55 -27.10
CA GLU A 467 25.90 -4.66 -28.16
C GLU A 467 25.45 -3.30 -27.64
N VAL A 468 24.53 -3.29 -26.68
CA VAL A 468 24.03 -2.01 -26.16
C VAL A 468 25.10 -1.26 -25.34
N LEU A 469 25.99 -1.99 -24.67
CA LEU A 469 27.04 -1.33 -23.91
C LEU A 469 27.98 -0.54 -24.83
N GLY A 470 28.15 -1.04 -26.05
CA GLY A 470 29.01 -0.38 -27.01
C GLY A 470 30.47 -0.80 -26.91
N LYS A 471 31.22 -0.56 -27.98
CA LYS A 471 32.63 -0.92 -28.06
C LYS A 471 33.51 -0.26 -27.02
N GLU A 472 33.38 1.06 -26.86
CA GLU A 472 34.19 1.78 -25.90
C GLU A 472 33.95 1.33 -24.47
N ARG A 473 32.69 1.14 -24.10
CA ARG A 473 32.41 0.67 -22.74
C ARG A 473 32.97 -0.74 -22.57
N THR A 474 32.75 -1.59 -23.58
CA THR A 474 33.22 -2.96 -23.50
C THR A 474 34.73 -3.03 -23.33
N LEU A 475 35.46 -2.23 -24.09
CA LEU A 475 36.92 -2.21 -23.97
C LEU A 475 37.35 -1.69 -22.60
N LYS A 476 36.76 -0.58 -22.19
CA LYS A 476 37.07 0.02 -20.90
C LYS A 476 36.86 -0.96 -19.75
N ARG A 477 35.77 -1.71 -19.82
CA ARG A 477 35.44 -2.67 -18.78
C ARG A 477 36.32 -3.91 -18.80
N LEU A 478 36.69 -4.36 -19.99
CA LEU A 478 37.58 -5.53 -20.08
C LEU A 478 38.92 -5.09 -19.45
N GLU A 479 39.38 -3.90 -19.81
CA GLU A 479 40.62 -3.38 -19.25
C GLU A 479 40.49 -3.24 -17.73
N ARG A 480 39.38 -2.65 -17.30
CA ARG A 480 39.13 -2.46 -15.89
C ARG A 480 39.18 -3.80 -15.14
N THR A 481 38.62 -4.83 -15.74
CA THR A 481 38.60 -6.15 -15.12
C THR A 481 40.01 -6.74 -15.04
N LEU A 482 40.81 -6.48 -16.08
CA LEU A 482 42.19 -6.96 -16.14
C LEU A 482 43.04 -6.34 -15.02
N GLN A 483 42.84 -5.04 -14.80
CA GLN A 483 43.57 -4.33 -13.76
C GLN A 483 43.14 -4.86 -12.39
N PHE A 484 41.86 -5.18 -12.26
CA PHE A 484 41.31 -5.68 -11.01
C PHE A 484 41.89 -7.05 -10.70
N LEU A 485 42.02 -7.88 -11.73
CA LEU A 485 42.57 -9.22 -11.60
C LEU A 485 44.01 -9.16 -11.10
N LYS A 486 44.78 -8.22 -11.65
CA LYS A 486 46.18 -8.06 -11.27
C LYS A 486 46.28 -7.72 -9.78
N LYS A 487 45.18 -7.26 -9.21
CA LYS A 487 45.11 -6.91 -7.79
C LYS A 487 46.30 -6.09 -7.31
C2 GSU B . -9.16 -5.46 5.05
S GSU B . -8.13 1.48 10.81
N GSU B . -11.16 4.00 12.52
CA GSU B . -11.69 2.66 12.18
CB GSU B . -12.73 2.76 11.05
CG GSU B . -14.10 3.14 11.63
CD GSU B . -15.18 3.08 10.55
OE1 GSU B . -14.90 3.04 9.36
OE2 GSU B . -16.36 3.04 10.88
C GSU B . -10.57 1.79 11.72
O GSU B . -10.70 0.58 11.73
N10 GSU B . -9.42 2.38 11.30
O1S GSU B . -7.87 0.59 11.88
O2S GSU B . -7.16 2.40 10.29
O5' GSU B . -8.57 0.55 9.64
C5' GSU B . -8.87 1.30 8.46
C4' GSU B . -9.90 0.55 7.58
O4' GSU B . -9.26 -0.66 7.08
C1' GSU B . -10.05 -1.83 7.47
N9 GSU B . -9.20 -2.98 7.75
C4 GSU B . -9.02 -4.02 6.89
N3 GSU B . -9.52 -4.34 5.68
N1 GSU B . -8.28 -6.31 5.59
C6 GSU B . -7.72 -6.09 6.80
N6 GSU B . -6.82 -6.98 7.32
C5 GSU B . -8.08 -4.90 7.50
N7 GSU B . -7.76 -4.34 8.69
C8 GSU B . -8.40 -3.22 8.84
C2' GSU B . -10.86 -1.36 8.70
O2' GSU B . -12.04 -2.13 8.91
C3' GSU B . -11.14 0.14 8.42
O3' GSU B . -12.29 0.18 7.58
#